data_2RBR
#
_entry.id   2RBR
#
_cell.length_a   60.135
_cell.length_b   60.135
_cell.length_c   96.307
_cell.angle_alpha   90.000
_cell.angle_beta   90.000
_cell.angle_gamma   120.000
#
_symmetry.space_group_name_H-M   'P 32 2 1'
#
loop_
_entity.id
_entity.type
_entity.pdbx_description
1 polymer Lysozyme
2 non-polymer 'PHOSPHATE ION'
3 non-polymer 2-phenoxyethanol
4 water water
#
_entity_poly.entity_id   1
_entity_poly.type   'polypeptide(L)'
_entity_poly.pdbx_seq_one_letter_code
;MNIFEMLRIDEGLRLKIYKDTEGYYTIGIGHLLTKSPSLNAAKSELDKAIGRNCNGVITKDEAEKLFNQDVDAAVRGILR
NAKLKPVYDSLDAVRRCAAINQVFQMGETGVAGFTNSLRMLQQKRWDEAAVNLAKSRWYNQTPNRAKRVITTFRTGTWDA
YK
;
_entity_poly.pdbx_strand_id   A
#
# COMPACT_ATOMS: atom_id res chain seq x y z
N MET A 1 6.89 5.93 14.74
CA MET A 1 6.33 5.31 13.52
CA MET A 1 6.31 5.26 13.54
C MET A 1 4.86 5.67 13.31
N ASN A 2 4.48 5.76 12.04
CA ASN A 2 3.10 5.99 11.62
C ASN A 2 2.96 5.44 10.21
N ILE A 3 1.76 5.52 9.64
CA ILE A 3 1.50 4.93 8.32
C ILE A 3 2.40 5.51 7.22
N PHE A 4 2.70 6.81 7.30
CA PHE A 4 3.54 7.42 6.29
C PHE A 4 4.97 6.91 6.39
N GLU A 5 5.51 6.85 7.61
CA GLU A 5 6.88 6.34 7.78
C GLU A 5 6.97 4.86 7.40
N MET A 6 5.92 4.12 7.71
CA MET A 6 5.86 2.68 7.41
C MET A 6 5.91 2.42 5.91
N LEU A 7 4.99 3.05 5.18
CA LEU A 7 4.95 2.90 3.73
C LEU A 7 6.17 3.51 3.04
N ARG A 8 6.73 4.56 3.62
CA ARG A 8 7.98 5.13 3.06
C ARG A 8 9.12 4.09 3.09
N ILE A 9 9.21 3.34 4.19
CA ILE A 9 10.17 2.24 4.28
C ILE A 9 9.87 1.16 3.25
N ASP A 10 8.61 0.75 3.15
CA ASP A 10 8.25 -0.37 2.29
C ASP A 10 8.28 -0.07 0.79
N GLU A 11 8.04 1.18 0.43
CA GLU A 11 7.93 1.57 -0.98
C GLU A 11 9.15 2.30 -1.50
N GLY A 12 9.94 2.88 -0.62
CA GLY A 12 11.10 3.69 -1.03
C GLY A 12 10.67 5.03 -1.61
N LEU A 13 11.65 5.75 -2.15
CA LEU A 13 11.39 7.02 -2.81
C LEU A 13 12.31 7.12 -4.02
N ARG A 14 11.70 7.24 -5.20
CA ARG A 14 12.43 7.41 -6.44
C ARG A 14 11.76 8.49 -7.28
N LEU A 15 12.56 9.40 -7.82
CA LEU A 15 12.03 10.60 -8.49
C LEU A 15 11.87 10.46 -10.00
N LYS A 16 12.38 9.38 -10.58
CA LYS A 16 12.21 9.07 -11.99
C LYS A 16 11.33 7.84 -12.13
N ILE A 17 10.58 7.76 -13.22
CA ILE A 17 9.75 6.58 -13.50
C ILE A 17 10.59 5.32 -13.40
N TYR A 18 10.07 4.33 -12.67
CA TYR A 18 10.73 3.04 -12.51
C TYR A 18 9.66 1.97 -12.56
N LYS A 19 10.07 0.72 -12.64
CA LYS A 19 9.11 -0.37 -12.56
C LYS A 19 9.08 -0.94 -11.15
N ASP A 20 7.87 -1.14 -10.63
CA ASP A 20 7.67 -1.73 -9.30
C ASP A 20 7.98 -3.23 -9.31
N THR A 21 7.70 -3.90 -8.20
CA THR A 21 8.04 -5.32 -8.06
CA THR A 21 8.07 -5.30 -8.08
C THR A 21 7.29 -6.20 -9.04
N GLU A 22 6.14 -5.71 -9.49
CA GLU A 22 5.33 -6.42 -10.47
C GLU A 22 5.67 -6.06 -11.91
N GLY A 23 6.65 -5.17 -12.11
CA GLY A 23 7.04 -4.73 -13.45
C GLY A 23 6.25 -3.56 -13.99
N TYR A 24 5.50 -2.87 -13.12
CA TYR A 24 4.61 -1.78 -13.54
C TYR A 24 5.20 -0.40 -13.30
N TYR A 25 5.03 0.49 -14.28
CA TYR A 25 5.55 1.85 -14.16
C TYR A 25 4.98 2.59 -12.95
N THR A 26 5.90 3.17 -12.18
CA THR A 26 5.64 3.72 -10.87
C THR A 26 6.56 4.92 -10.68
N ILE A 27 6.22 5.81 -9.76
CA ILE A 27 7.12 6.90 -9.41
C ILE A 27 6.92 7.29 -7.94
N GLY A 28 7.85 8.06 -7.39
CA GLY A 28 7.68 8.61 -6.05
C GLY A 28 7.78 7.55 -4.97
N ILE A 29 6.79 7.55 -4.08
CA ILE A 29 6.70 6.60 -2.97
C ILE A 29 5.62 5.57 -3.33
N GLY A 30 5.99 4.68 -4.25
CA GLY A 30 5.06 3.65 -4.69
C GLY A 30 3.80 4.15 -5.36
N HIS A 31 3.88 5.27 -6.09
CA HIS A 31 2.72 5.70 -6.86
C HIS A 31 2.63 4.96 -8.19
N LEU A 32 1.74 3.98 -8.27
CA LEU A 32 1.53 3.24 -9.50
C LEU A 32 0.97 4.17 -10.57
N LEU A 33 1.61 4.21 -11.73
CA LEU A 33 1.16 5.06 -12.83
C LEU A 33 0.18 4.35 -13.76
N THR A 34 0.52 3.12 -14.12
CA THR A 34 -0.28 2.33 -15.06
C THR A 34 0.23 0.90 -15.09
N LYS A 35 -0.62 -0.02 -15.51
CA LYS A 35 -0.18 -1.39 -15.77
C LYS A 35 0.21 -1.59 -17.24
N SER A 36 0.08 -0.54 -18.04
CA SER A 36 0.46 -0.58 -19.46
C SER A 36 1.97 -0.78 -19.61
N PRO A 37 2.38 -1.64 -20.57
CA PRO A 37 3.82 -1.77 -20.83
C PRO A 37 4.39 -0.61 -21.64
N SER A 38 3.55 0.35 -22.03
CA SER A 38 4.01 1.50 -22.82
C SER A 38 4.48 2.64 -21.92
N LEU A 39 5.77 2.96 -21.98
CA LEU A 39 6.33 4.07 -21.21
C LEU A 39 5.63 5.39 -21.49
N ASN A 40 5.19 5.60 -22.72
CA ASN A 40 4.49 6.84 -23.07
C ASN A 40 3.14 6.95 -22.36
N ALA A 41 2.46 5.82 -22.19
CA ALA A 41 1.22 5.79 -21.42
C ALA A 41 1.47 6.16 -19.96
N ALA A 42 2.58 5.67 -19.39
CA ALA A 42 2.96 6.01 -18.03
C ALA A 42 3.29 7.49 -17.88
N LYS A 43 3.99 8.04 -18.87
CA LYS A 43 4.35 9.45 -18.86
C LYS A 43 3.10 10.34 -18.93
N SER A 44 2.11 9.91 -19.72
CA SER A 44 0.85 10.63 -19.78
CA SER A 44 0.83 10.60 -19.79
C SER A 44 0.15 10.60 -18.42
N GLU A 45 0.11 9.43 -17.78
CA GLU A 45 -0.50 9.35 -16.46
C GLU A 45 0.22 10.22 -15.43
N LEU A 46 1.55 10.23 -15.50
CA LEU A 46 2.34 11.09 -14.62
C LEU A 46 1.98 12.56 -14.79
N ASP A 47 1.97 13.03 -16.04
CA ASP A 47 1.69 14.42 -16.31
C ASP A 47 0.29 14.81 -15.83
N LYS A 48 -0.66 13.90 -16.00
CA LYS A 48 -2.03 14.12 -15.52
C LYS A 48 -2.07 14.18 -13.99
N ALA A 49 -1.30 13.33 -13.33
CA ALA A 49 -1.28 13.29 -11.87
C ALA A 49 -0.65 14.55 -11.24
N ILE A 50 0.38 15.08 -11.89
CA ILE A 50 1.14 16.20 -11.35
C ILE A 50 0.61 17.54 -11.87
N GLY A 51 0.01 17.53 -13.05
CA GLY A 51 -0.57 18.75 -13.64
C GLY A 51 0.41 19.60 -14.43
N ARG A 52 1.49 18.98 -14.92
CA ARG A 52 2.47 19.64 -15.79
C ARG A 52 3.18 18.58 -16.62
N ASN A 53 3.92 19.01 -17.63
CA ASN A 53 4.73 18.09 -18.42
CA ASN A 53 4.73 18.10 -18.43
C ASN A 53 6.01 17.75 -17.68
N CYS A 54 6.07 16.54 -17.14
CA CYS A 54 7.15 16.13 -16.24
C CYS A 54 8.35 15.48 -16.90
N ASN A 55 8.18 15.00 -18.13
CA ASN A 55 9.24 14.26 -18.83
CA ASN A 55 9.20 14.23 -18.85
C ASN A 55 9.78 13.11 -17.97
N GLY A 56 8.88 12.44 -17.25
CA GLY A 56 9.24 11.26 -16.44
C GLY A 56 9.99 11.50 -15.14
N VAL A 57 10.06 12.76 -14.69
CA VAL A 57 10.82 13.15 -13.50
CA VAL A 57 10.76 13.08 -13.47
C VAL A 57 9.97 14.09 -12.64
N ILE A 58 9.98 13.87 -11.32
CA ILE A 58 9.27 14.74 -10.37
C ILE A 58 10.19 15.16 -9.22
N THR A 59 9.72 16.10 -8.41
CA THR A 59 10.46 16.55 -7.23
C THR A 59 10.02 15.76 -6.00
N LYS A 60 10.81 15.85 -4.94
CA LYS A 60 10.46 15.21 -3.68
C LYS A 60 9.11 15.71 -3.15
N ASP A 61 8.88 17.02 -3.24
CA ASP A 61 7.61 17.61 -2.79
C ASP A 61 6.45 17.01 -3.57
N GLU A 62 6.64 16.88 -4.88
CA GLU A 62 5.61 16.25 -5.73
C GLU A 62 5.35 14.80 -5.36
N ALA A 63 6.42 14.04 -5.12
CA ALA A 63 6.30 12.66 -4.68
C ALA A 63 5.52 12.56 -3.37
N GLU A 64 5.83 13.45 -2.44
CA GLU A 64 5.15 13.44 -1.15
C GLU A 64 3.69 13.85 -1.28
N LYS A 65 3.38 14.74 -2.24
CA LYS A 65 2.00 15.13 -2.50
CA LYS A 65 2.00 15.12 -2.47
C LYS A 65 1.17 13.93 -2.97
N LEU A 66 1.71 13.19 -3.95
CA LEU A 66 1.03 11.99 -4.44
C LEU A 66 0.86 10.97 -3.32
N PHE A 67 1.89 10.84 -2.49
CA PHE A 67 1.87 9.89 -1.37
C PHE A 67 0.73 10.19 -0.40
N ASN A 68 0.59 11.45 0.00
CA ASN A 68 -0.51 11.83 0.89
CA ASN A 68 -0.51 11.89 0.87
C ASN A 68 -1.85 11.53 0.25
N GLN A 69 -2.00 11.84 -1.05
CA GLN A 69 -3.23 11.53 -1.74
C GLN A 69 -3.51 10.04 -1.75
N ASP A 70 -2.46 9.25 -2.03
CA ASP A 70 -2.60 7.80 -2.13
C ASP A 70 -2.95 7.14 -0.80
N VAL A 71 -2.31 7.58 0.28
CA VAL A 71 -2.62 7.04 1.62
C VAL A 71 -4.07 7.38 2.00
N ASP A 72 -4.44 8.64 1.80
CA ASP A 72 -5.80 9.13 2.06
CA ASP A 72 -5.80 9.07 2.09
C ASP A 72 -6.81 8.27 1.29
N ALA A 73 -6.55 8.10 -0.01
CA ALA A 73 -7.45 7.35 -0.87
C ALA A 73 -7.59 5.88 -0.44
N ALA A 74 -6.49 5.29 0.03
CA ALA A 74 -6.49 3.89 0.53
C ALA A 74 -7.43 3.76 1.75
N VAL A 75 -7.29 4.68 2.71
CA VAL A 75 -8.15 4.67 3.89
C VAL A 75 -9.62 4.88 3.51
N ARG A 76 -9.89 5.88 2.65
CA ARG A 76 -11.27 6.16 2.28
CA ARG A 76 -11.24 6.20 2.19
C ARG A 76 -11.88 4.97 1.55
N GLY A 77 -11.07 4.26 0.77
CA GLY A 77 -11.52 3.05 0.08
C GLY A 77 -11.94 1.97 1.07
N ILE A 78 -11.09 1.72 2.06
CA ILE A 78 -11.40 0.79 3.13
C ILE A 78 -12.74 1.15 3.80
N LEU A 79 -12.90 2.43 4.12
CA LEU A 79 -14.10 2.89 4.82
C LEU A 79 -15.39 2.75 4.01
N ARG A 80 -15.27 2.77 2.68
CA ARG A 80 -16.46 2.58 1.84
C ARG A 80 -16.70 1.13 1.42
N ASN A 81 -15.83 0.23 1.85
CA ASN A 81 -15.97 -1.18 1.54
C ASN A 81 -16.69 -1.94 2.66
N ALA A 82 -17.80 -2.58 2.31
CA ALA A 82 -18.67 -3.20 3.31
C ALA A 82 -18.03 -4.37 4.03
N LYS A 83 -17.08 -5.04 3.37
CA LYS A 83 -16.34 -6.16 3.95
C LYS A 83 -15.18 -5.65 4.83
N LEU A 84 -14.50 -4.62 4.37
CA LEU A 84 -13.30 -4.13 5.06
C LEU A 84 -13.60 -3.22 6.24
N LYS A 85 -14.60 -2.34 6.10
CA LYS A 85 -14.88 -1.35 7.16
C LYS A 85 -15.07 -1.94 8.57
N PRO A 86 -15.95 -2.95 8.75
CA PRO A 86 -16.10 -3.48 10.11
C PRO A 86 -14.81 -4.07 10.71
N VAL A 87 -13.99 -4.69 9.87
CA VAL A 87 -12.72 -5.26 10.34
C VAL A 87 -11.76 -4.13 10.70
N TYR A 88 -11.64 -3.15 9.82
CA TYR A 88 -10.80 -1.99 10.08
C TYR A 88 -11.19 -1.31 11.38
N ASP A 89 -12.49 -1.08 11.56
CA ASP A 89 -12.96 -0.38 12.76
C ASP A 89 -12.74 -1.20 14.03
N SER A 90 -12.64 -2.53 13.88
CA SER A 90 -12.39 -3.40 15.02
C SER A 90 -10.96 -3.36 15.53
N LEU A 91 -10.04 -2.89 14.68
CA LEU A 91 -8.61 -2.88 14.98
C LEU A 91 -8.15 -1.67 15.77
N ASP A 92 -7.05 -1.85 16.48
CA ASP A 92 -6.30 -0.74 17.09
C ASP A 92 -5.53 0.02 16.01
N ALA A 93 -5.03 1.20 16.36
CA ALA A 93 -4.38 2.08 15.39
C ALA A 93 -3.17 1.47 14.69
N VAL A 94 -2.36 0.69 15.41
CA VAL A 94 -1.16 0.11 14.80
C VAL A 94 -1.55 -0.95 13.77
N ARG A 95 -2.45 -1.86 14.15
CA ARG A 95 -2.92 -2.86 13.18
C ARG A 95 -3.68 -2.23 12.00
N ARG A 96 -4.36 -1.12 12.24
CA ARG A 96 -4.95 -0.37 11.11
C ARG A 96 -3.91 0.01 10.08
N CYS A 97 -2.71 0.39 10.52
CA CYS A 97 -1.62 0.70 9.60
C CYS A 97 -1.22 -0.49 8.74
N ALA A 98 -1.17 -1.67 9.33
CA ALA A 98 -0.88 -2.88 8.57
C ALA A 98 -1.93 -3.09 7.47
N ALA A 99 -3.19 -2.86 7.82
CA ALA A 99 -4.31 -2.96 6.88
C ALA A 99 -4.20 -1.97 5.72
N ILE A 100 -3.91 -0.72 6.06
CA ILE A 100 -3.69 0.30 5.04
C ILE A 100 -2.54 -0.08 4.12
N ASN A 101 -1.45 -0.59 4.70
CA ASN A 101 -0.28 -0.99 3.94
C ASN A 101 -0.62 -2.03 2.89
N GLN A 102 -1.35 -3.08 3.28
CA GLN A 102 -1.80 -4.12 2.35
C GLN A 102 -2.65 -3.55 1.22
N VAL A 103 -3.62 -2.70 1.58
CA VAL A 103 -4.51 -2.13 0.58
C VAL A 103 -3.75 -1.22 -0.40
N PHE A 104 -2.82 -0.42 0.14
CA PHE A 104 -1.95 0.41 -0.68
C PHE A 104 -1.19 -0.42 -1.72
N GLN A 105 -0.69 -1.58 -1.30
CA GLN A 105 0.10 -2.45 -2.20
C GLN A 105 -0.76 -3.27 -3.17
N MET A 106 -1.84 -3.85 -2.67
CA MET A 106 -2.61 -4.89 -3.38
C MET A 106 -3.93 -4.44 -3.98
N GLY A 107 -4.46 -3.32 -3.50
CA GLY A 107 -5.75 -2.83 -3.95
C GLY A 107 -6.90 -3.41 -3.14
N GLU A 108 -7.97 -2.63 -3.04
CA GLU A 108 -9.11 -2.93 -2.18
C GLU A 108 -9.94 -4.18 -2.58
N THR A 109 -10.18 -4.36 -3.87
CA THR A 109 -11.01 -5.46 -4.37
C THR A 109 -10.43 -6.83 -4.02
N GLY A 110 -9.10 -6.98 -4.16
CA GLY A 110 -8.42 -8.23 -3.83
C GLY A 110 -8.41 -8.49 -2.33
N VAL A 111 -8.00 -7.48 -1.57
CA VAL A 111 -7.93 -7.58 -0.11
C VAL A 111 -9.29 -7.89 0.52
N ALA A 112 -10.35 -7.26 0.01
CA ALA A 112 -11.72 -7.50 0.51
C ALA A 112 -12.12 -8.98 0.34
N GLY A 113 -11.42 -9.69 -0.53
CA GLY A 113 -11.69 -11.11 -0.78
C GLY A 113 -10.97 -12.07 0.14
N PHE A 114 -10.03 -11.55 0.94
CA PHE A 114 -9.29 -12.42 1.88
CA PHE A 114 -9.25 -12.33 1.92
C PHE A 114 -10.14 -12.71 3.11
N THR A 115 -11.28 -13.34 2.83
CA THR A 115 -12.34 -13.58 3.81
C THR A 115 -11.89 -14.24 5.11
N ASN A 116 -11.07 -15.28 5.01
CA ASN A 116 -10.69 -16.01 6.22
C ASN A 116 -9.72 -15.21 7.09
N SER A 117 -8.78 -14.51 6.46
CA SER A 117 -7.86 -13.64 7.20
C SER A 117 -8.61 -12.52 7.90
N LEU A 118 -9.57 -11.92 7.18
CA LEU A 118 -10.38 -10.85 7.73
C LEU A 118 -11.15 -11.31 8.97
N ARG A 119 -11.73 -12.50 8.89
CA ARG A 119 -12.50 -13.05 10.01
CA ARG A 119 -12.49 -13.05 10.01
C ARG A 119 -11.61 -13.25 11.23
N MET A 120 -10.42 -13.82 11.01
CA MET A 120 -9.49 -14.06 12.11
C MET A 120 -9.01 -12.76 12.75
N LEU A 121 -8.81 -11.74 11.92
CA LEU A 121 -8.42 -10.42 12.42
C LEU A 121 -9.54 -9.81 13.25
N GLN A 122 -10.78 -9.88 12.77
CA GLN A 122 -11.91 -9.34 13.55
C GLN A 122 -12.10 -10.08 14.87
N GLN A 123 -11.84 -11.39 14.84
CA GLN A 123 -11.89 -12.22 16.05
C GLN A 123 -10.70 -12.00 16.97
N LYS A 124 -9.68 -11.29 16.51
CA LYS A 124 -8.46 -11.03 17.29
C LYS A 124 -7.69 -12.32 17.62
N ARG A 125 -7.75 -13.25 16.66
CA ARG A 125 -6.97 -14.48 16.73
C ARG A 125 -5.68 -14.22 15.99
N TRP A 126 -4.77 -13.53 16.67
CA TRP A 126 -3.64 -12.91 15.98
C TRP A 126 -2.64 -13.88 15.38
N ASP A 127 -2.30 -14.94 16.11
CA ASP A 127 -1.32 -15.89 15.56
C ASP A 127 -1.92 -16.66 14.38
N GLU A 128 -3.19 -17.04 14.49
CA GLU A 128 -3.90 -17.69 13.40
C GLU A 128 -4.00 -16.80 12.16
N ALA A 129 -4.34 -15.53 12.38
CA ALA A 129 -4.43 -14.59 11.27
C ALA A 129 -3.08 -14.46 10.58
N ALA A 130 -2.02 -14.37 11.38
CA ALA A 130 -0.67 -14.25 10.85
C ALA A 130 -0.27 -15.47 10.00
N VAL A 131 -0.61 -16.67 10.47
CA VAL A 131 -0.38 -17.87 9.67
C VAL A 131 -1.17 -17.81 8.35
N ASN A 132 -2.43 -17.39 8.43
CA ASN A 132 -3.27 -17.32 7.23
C ASN A 132 -2.77 -16.29 6.22
N LEU A 133 -2.26 -15.17 6.72
CA LEU A 133 -1.80 -14.08 5.86
C LEU A 133 -0.62 -14.51 4.99
N ALA A 134 0.19 -15.44 5.50
CA ALA A 134 1.39 -15.87 4.79
C ALA A 134 1.09 -16.92 3.70
N LYS A 135 -0.12 -17.49 3.74
CA LYS A 135 -0.54 -18.46 2.73
C LYS A 135 -1.08 -17.69 1.52
N SER A 136 -0.19 -17.00 0.82
CA SER A 136 -0.62 -16.04 -0.18
C SER A 136 0.43 -15.77 -1.23
N ARG A 137 -0.02 -15.44 -2.45
CA ARG A 137 0.87 -14.91 -3.47
C ARG A 137 1.65 -13.72 -2.93
N TRP A 138 0.94 -12.84 -2.24
CA TRP A 138 1.55 -11.65 -1.66
C TRP A 138 2.80 -11.98 -0.85
N TYR A 139 2.66 -12.92 0.08
CA TYR A 139 3.79 -13.28 0.91
C TYR A 139 4.92 -13.87 0.07
N ASN A 140 4.58 -14.75 -0.86
CA ASN A 140 5.61 -15.39 -1.68
C ASN A 140 6.37 -14.43 -2.59
N GLN A 141 5.68 -13.41 -3.11
CA GLN A 141 6.31 -12.49 -4.06
C GLN A 141 7.07 -11.35 -3.37
N THR A 142 6.57 -10.92 -2.22
CA THR A 142 7.26 -9.89 -1.42
C THR A 142 7.41 -10.34 0.03
N PRO A 143 8.23 -11.39 0.28
CA PRO A 143 8.27 -11.92 1.65
C PRO A 143 8.86 -11.01 2.73
N ASN A 144 9.90 -10.23 2.41
CA ASN A 144 10.51 -9.37 3.43
C ASN A 144 9.46 -8.36 3.92
N ARG A 145 8.77 -7.73 2.99
CA ARG A 145 7.74 -6.77 3.33
C ARG A 145 6.56 -7.44 4.00
N ALA A 146 6.12 -8.57 3.45
CA ALA A 146 4.98 -9.28 4.04
C ALA A 146 5.27 -9.69 5.48
N LYS A 147 6.49 -10.13 5.76
CA LYS A 147 6.86 -10.50 7.13
C LYS A 147 6.70 -9.31 8.08
N ARG A 148 7.12 -8.13 7.63
CA ARG A 148 6.98 -6.91 8.45
C ARG A 148 5.52 -6.57 8.70
N VAL A 149 4.71 -6.62 7.64
CA VAL A 149 3.29 -6.28 7.74
C VAL A 149 2.58 -7.31 8.63
N ILE A 150 2.89 -8.59 8.43
CA ILE A 150 2.31 -9.65 9.27
C ILE A 150 2.69 -9.50 10.73
N THR A 151 3.96 -9.19 11.02
CA THR A 151 4.37 -8.99 12.41
C THR A 151 3.55 -7.84 13.03
N THR A 152 3.27 -6.82 12.23
CA THR A 152 2.49 -5.68 12.69
C THR A 152 1.06 -6.11 13.02
N PHE A 153 0.43 -6.87 12.10
CA PHE A 153 -0.88 -7.48 12.38
C PHE A 153 -0.86 -8.41 13.60
N ARG A 154 0.21 -9.20 13.76
CA ARG A 154 0.27 -10.19 14.84
CA ARG A 154 0.26 -10.19 14.83
C ARG A 154 0.40 -9.55 16.21
N THR A 155 1.22 -8.49 16.30
CA THR A 155 1.62 -7.94 17.59
C THR A 155 0.99 -6.61 17.96
N GLY A 156 0.55 -5.84 16.98
CA GLY A 156 0.07 -4.48 17.26
C GLY A 156 1.18 -3.57 17.77
N THR A 157 2.42 -3.93 17.42
CA THR A 157 3.58 -3.10 17.72
C THR A 157 4.31 -2.76 16.43
N TRP A 158 5.25 -1.84 16.54
CA TRP A 158 6.09 -1.46 15.42
C TRP A 158 7.44 -2.16 15.39
N ASP A 159 7.53 -3.31 16.06
CA ASP A 159 8.81 -4.01 16.20
C ASP A 159 9.50 -4.32 14.87
N ALA A 160 8.71 -4.58 13.84
CA ALA A 160 9.28 -4.94 12.53
C ALA A 160 9.85 -3.75 11.76
N TYR A 161 9.57 -2.53 12.23
CA TYR A 161 9.99 -1.31 11.55
C TYR A 161 11.01 -0.46 12.33
N LYS A 162 11.29 -0.84 13.57
CA LYS A 162 12.39 -0.21 14.36
C LYS A 162 12.60 1.29 14.07
#